data_3NCT
#
_entry.id   3NCT
#
_cell.length_a   93.815
_cell.length_b   93.815
_cell.length_c   164.827
_cell.angle_alpha   90.00
_cell.angle_beta   90.00
_cell.angle_gamma   90.00
#
_symmetry.space_group_name_H-M   'P 43 21 2'
#
loop_
_entity.id
_entity.type
_entity.pdbx_description
1 polymer 'Protein psiB'
2 water water
#
_entity_poly.entity_id   1
_entity_poly.type   'polypeptide(L)'
_entity_poly.pdbx_seq_one_letter_code
;(MSE)KTELTLNVLQT(MSE)NAQEYEDIRAAGSDERRELTHAV(MSE)RELDAPDNWT(MSE)NGEYGSEFGGFFPVQV
RFTPAHERFHLALCSPGDVSQVWVLVLVNAGGEPFAVVQVQRRFASEAVSHSLALAASLDTQGYSVNDIIHIL(MSE)AE
GGQV
;
_entity_poly.pdbx_strand_id   A,B,C,D
#
# COMPACT_ATOMS: atom_id res chain seq x y z
N LEU A 7 -21.72 16.92 -7.05
CA LEU A 7 -21.86 15.97 -8.19
C LEU A 7 -21.71 16.67 -9.54
N ASN A 8 -22.46 17.76 -9.72
CA ASN A 8 -22.47 18.44 -11.00
C ASN A 8 -21.12 19.09 -11.34
N VAL A 9 -20.49 19.69 -10.35
CA VAL A 9 -19.14 20.20 -10.52
C VAL A 9 -18.14 19.09 -10.94
N LEU A 10 -18.22 17.91 -10.31
CA LEU A 10 -17.38 16.75 -10.73
C LEU A 10 -17.56 16.36 -12.21
N GLN A 11 -18.81 16.39 -12.68
CA GLN A 11 -19.14 16.05 -14.06
C GLN A 11 -18.65 17.11 -15.04
N THR A 12 -18.55 18.33 -14.53
CA THR A 12 -18.29 19.52 -15.32
C THR A 12 -16.79 19.85 -15.46
N MSE A 13 -16.00 19.38 -14.49
CA MSE A 13 -14.55 19.60 -14.47
C MSE A 13 -13.84 18.81 -15.57
O MSE A 13 -14.07 17.62 -15.74
CB MSE A 13 -14.00 19.16 -13.12
CG MSE A 13 -14.31 20.07 -11.94
SE MSE A 13 -13.66 19.22 -10.29
CE MSE A 13 -11.87 18.78 -10.88
N ASN A 14 -12.96 19.48 -16.31
CA ASN A 14 -12.16 18.80 -17.33
C ASN A 14 -10.90 18.20 -16.72
N ALA A 15 -10.16 17.43 -17.52
CA ALA A 15 -8.94 16.76 -17.08
C ALA A 15 -7.97 17.72 -16.38
N GLN A 16 -7.79 18.90 -16.98
CA GLN A 16 -6.87 19.90 -16.46
C GLN A 16 -7.29 20.45 -15.10
N GLU A 17 -8.60 20.61 -14.84
CA GLU A 17 -9.03 21.06 -13.50
C GLU A 17 -8.75 20.01 -12.41
N TYR A 18 -8.92 18.73 -12.75
CA TYR A 18 -8.50 17.62 -11.87
C TYR A 18 -7.04 17.71 -11.50
N GLU A 19 -6.17 17.93 -12.49
CA GLU A 19 -4.74 18.09 -12.23
C GLU A 19 -4.42 19.38 -11.48
N ASP A 20 -5.14 20.46 -11.77
CA ASP A 20 -4.96 21.75 -11.08
C ASP A 20 -5.28 21.62 -9.59
N ILE A 21 -6.30 20.84 -9.25
CA ILE A 21 -6.62 20.60 -7.84
C ILE A 21 -5.54 19.75 -7.14
N ARG A 22 -5.09 18.67 -7.79
CA ARG A 22 -4.01 17.89 -7.19
C ARG A 22 -2.77 18.79 -7.04
N ALA A 23 -2.50 19.65 -8.03
CA ALA A 23 -1.36 20.58 -7.94
C ALA A 23 -1.52 21.64 -6.87
N ALA A 24 -2.76 22.08 -6.61
CA ALA A 24 -2.99 23.14 -5.62
C ALA A 24 -2.51 22.72 -4.23
N GLY A 25 -2.64 21.44 -3.92
CA GLY A 25 -2.12 20.93 -2.67
C GLY A 25 -2.84 19.70 -2.18
N SER A 26 -2.28 19.15 -1.13
CA SER A 26 -2.72 17.90 -0.53
C SER A 26 -4.10 18.04 0.10
N ASP A 27 -4.33 19.16 0.79
CA ASP A 27 -5.64 19.44 1.38
C ASP A 27 -6.73 19.52 0.31
N GLU A 28 -6.47 20.29 -0.75
CA GLU A 28 -7.42 20.47 -1.85
C GLU A 28 -7.75 19.15 -2.53
N ARG A 29 -6.71 18.34 -2.75
CA ARG A 29 -6.85 17.01 -3.38
C ARG A 29 -7.67 16.05 -2.51
N ARG A 30 -7.38 16.05 -1.21
CA ARG A 30 -8.13 15.28 -0.23
C ARG A 30 -9.62 15.62 -0.31
N GLU A 31 -9.98 16.90 -0.34
CA GLU A 31 -11.39 17.31 -0.41
C GLU A 31 -12.06 16.83 -1.70
N LEU A 32 -11.33 16.90 -2.81
CA LEU A 32 -11.82 16.40 -4.09
C LEU A 32 -12.02 14.87 -4.05
N THR A 33 -11.06 14.16 -3.46
CA THR A 33 -11.14 12.72 -3.28
C THR A 33 -12.36 12.34 -2.44
N HIS A 34 -12.56 13.02 -1.31
CA HIS A 34 -13.73 12.75 -0.47
C HIS A 34 -15.08 13.04 -1.16
N ALA A 35 -15.12 14.10 -1.98
CA ALA A 35 -16.36 14.47 -2.70
C ALA A 35 -16.75 13.38 -3.72
N VAL A 36 -15.75 12.87 -4.46
CA VAL A 36 -15.93 11.73 -5.33
C VAL A 36 -16.47 10.50 -4.55
N MSE A 37 -15.77 10.14 -3.48
CA MSE A 37 -16.12 8.99 -2.65
C MSE A 37 -17.53 9.08 -2.05
O MSE A 37 -18.21 8.07 -1.93
CB MSE A 37 -15.09 8.78 -1.53
CG MSE A 37 -13.79 8.16 -2.03
SE MSE A 37 -12.43 8.14 -0.66
CE MSE A 37 -13.09 6.63 0.38
N ARG A 38 -17.93 10.30 -1.66
CA ARG A 38 -19.25 10.56 -1.11
C ARG A 38 -20.39 10.20 -2.08
N GLU A 39 -20.12 10.26 -3.39
CA GLU A 39 -21.13 9.94 -4.41
C GLU A 39 -21.24 8.44 -4.70
N LEU A 40 -20.30 7.65 -4.18
CA LEU A 40 -20.20 6.23 -4.51
C LEU A 40 -20.67 5.32 -3.37
N ASP A 41 -21.12 4.12 -3.72
CA ASP A 41 -21.47 3.10 -2.72
C ASP A 41 -20.59 1.87 -2.87
N ALA A 42 -19.91 1.52 -1.79
CA ALA A 42 -19.14 0.28 -1.75
C ALA A 42 -20.13 -0.84 -1.47
N PRO A 43 -19.98 -1.98 -2.17
CA PRO A 43 -20.85 -3.10 -1.85
C PRO A 43 -20.59 -3.57 -0.41
N ASP A 44 -21.55 -4.31 0.16
CA ASP A 44 -21.40 -4.88 1.49
C ASP A 44 -20.16 -5.76 1.52
N ASN A 45 -19.42 -5.67 2.62
CA ASN A 45 -18.22 -6.49 2.84
C ASN A 45 -17.06 -6.14 1.92
N TRP A 46 -17.10 -4.93 1.36
CA TRP A 46 -16.00 -4.37 0.59
C TRP A 46 -15.58 -3.08 1.25
N THR A 47 -14.32 -2.70 1.07
CA THR A 47 -13.85 -1.41 1.56
C THR A 47 -13.64 -0.46 0.39
N MSE A 48 -13.61 0.83 0.70
CA MSE A 48 -13.38 1.87 -0.28
C MSE A 48 -12.34 2.82 0.29
O MSE A 48 -12.53 3.34 1.40
CB MSE A 48 -14.68 2.62 -0.57
CG MSE A 48 -14.51 3.74 -1.57
SE MSE A 48 -16.11 4.84 -1.83
CE MSE A 48 -17.32 3.47 -2.37
N ASN A 49 -11.27 3.03 -0.45
CA ASN A 49 -10.18 3.91 0.00
CA ASN A 49 -10.14 3.87 0.01
C ASN A 49 -9.66 4.76 -1.14
N GLY A 50 -9.42 6.03 -0.84
CA GLY A 50 -8.90 6.98 -1.82
C GLY A 50 -7.43 7.20 -1.62
N GLU A 51 -6.70 7.51 -2.69
CA GLU A 51 -5.28 7.83 -2.56
C GLU A 51 -5.11 9.24 -1.98
N TYR A 52 -4.32 9.36 -0.90
CA TYR A 52 -4.05 10.68 -0.35
CA TYR A 52 -4.01 10.64 -0.23
C TYR A 52 -2.66 11.20 -0.73
N GLY A 53 -1.73 10.29 -1.01
CA GLY A 53 -0.40 10.69 -1.47
C GLY A 53 -0.05 9.97 -2.76
N SER A 54 0.97 9.12 -2.71
CA SER A 54 1.35 8.31 -3.85
C SER A 54 1.37 6.81 -3.51
N GLU A 55 0.63 6.41 -2.47
CA GLU A 55 0.57 5.00 -2.05
C GLU A 55 -0.16 4.08 -3.06
N PHE A 56 -0.98 4.65 -3.95
CA PHE A 56 -1.56 3.86 -5.08
C PHE A 56 -0.86 4.17 -6.42
N GLY A 57 0.34 4.74 -6.35
CA GLY A 57 1.11 5.08 -7.57
C GLY A 57 1.08 6.56 -7.99
N GLY A 58 0.04 7.28 -7.58
CA GLY A 58 -0.07 8.72 -7.84
C GLY A 58 -0.37 9.12 -9.28
N PHE A 59 -0.80 8.16 -10.10
CA PHE A 59 -1.00 8.41 -11.53
C PHE A 59 -2.16 9.35 -11.82
N PHE A 60 -3.18 9.31 -10.97
CA PHE A 60 -4.43 10.00 -11.26
C PHE A 60 -4.76 10.98 -10.15
N PRO A 61 -5.24 12.18 -10.50
CA PRO A 61 -5.58 13.16 -9.47
C PRO A 61 -6.52 12.59 -8.40
N VAL A 62 -7.50 11.79 -8.81
CA VAL A 62 -8.30 11.00 -7.86
C VAL A 62 -8.23 9.53 -8.25
N GLN A 63 -7.95 8.69 -7.26
CA GLN A 63 -7.95 7.24 -7.45
C GLN A 63 -8.61 6.60 -6.25
N VAL A 64 -9.72 5.90 -6.49
CA VAL A 64 -10.44 5.22 -5.41
C VAL A 64 -10.37 3.72 -5.63
N ARG A 65 -9.96 2.98 -4.59
CA ARG A 65 -9.93 1.52 -4.69
C ARG A 65 -11.08 0.87 -3.93
N PHE A 66 -11.65 -0.17 -4.54
CA PHE A 66 -12.71 -0.95 -3.94
C PHE A 66 -12.26 -2.41 -3.88
N THR A 67 -12.29 -2.98 -2.67
CA THR A 67 -11.66 -4.26 -2.39
C THR A 67 -12.58 -5.14 -1.57
N PRO A 68 -12.85 -6.36 -2.06
CA PRO A 68 -13.56 -7.33 -1.23
C PRO A 68 -12.66 -7.79 -0.10
N ALA A 69 -13.25 -8.22 1.01
CA ALA A 69 -12.50 -8.61 2.19
C ALA A 69 -11.56 -9.78 1.95
N HIS A 70 -11.89 -10.65 0.98
CA HIS A 70 -11.01 -11.76 0.63
C HIS A 70 -9.75 -11.32 -0.15
N GLU A 71 -9.78 -10.11 -0.71
CA GLU A 71 -8.60 -9.51 -1.35
C GLU A 71 -7.99 -10.33 -2.51
N ARG A 72 -8.83 -11.14 -3.18
CA ARG A 72 -8.39 -11.87 -4.37
C ARG A 72 -8.20 -10.95 -5.58
N PHE A 73 -8.90 -9.82 -5.55
CA PHE A 73 -8.79 -8.82 -6.61
C PHE A 73 -9.29 -7.48 -6.07
N HIS A 74 -9.11 -6.42 -6.85
CA HIS A 74 -9.76 -5.15 -6.50
C HIS A 74 -10.10 -4.38 -7.77
N LEU A 75 -10.93 -3.35 -7.61
CA LEU A 75 -11.21 -2.41 -8.69
C LEU A 75 -10.68 -1.04 -8.29
N ALA A 76 -10.27 -0.25 -9.28
CA ALA A 76 -9.83 1.10 -9.02
C ALA A 76 -10.51 2.04 -10.01
N LEU A 77 -11.09 3.10 -9.47
CA LEU A 77 -11.64 4.17 -10.26
C LEU A 77 -10.57 5.26 -10.38
N CYS A 78 -10.21 5.61 -11.62
CA CYS A 78 -9.11 6.54 -11.90
C CYS A 78 -9.66 7.76 -12.66
N SER A 79 -9.35 8.96 -12.17
CA SER A 79 -9.95 10.18 -12.68
C SER A 79 -9.25 10.68 -13.93
N PRO A 80 -9.90 11.58 -14.68
CA PRO A 80 -9.19 12.27 -15.75
C PRO A 80 -8.03 13.07 -15.18
N GLY A 81 -7.05 13.35 -16.04
CA GLY A 81 -5.87 14.13 -15.68
C GLY A 81 -4.89 14.06 -16.83
N ASP A 82 -3.60 14.08 -16.54
CA ASP A 82 -2.56 13.99 -17.57
C ASP A 82 -2.58 12.65 -18.30
N VAL A 83 -2.77 11.57 -17.55
CA VAL A 83 -2.66 10.19 -18.06
C VAL A 83 -3.87 9.78 -18.93
N SER A 84 -5.06 10.19 -18.51
CA SER A 84 -6.31 9.81 -19.18
C SER A 84 -7.26 11.01 -19.26
N GLN A 85 -7.89 11.21 -20.42
CA GLN A 85 -8.91 12.25 -20.58
C GLN A 85 -10.26 11.80 -19.98
N VAL A 86 -10.38 10.51 -19.67
CA VAL A 86 -11.64 9.94 -19.19
C VAL A 86 -11.49 9.23 -17.85
N TRP A 87 -12.59 9.12 -17.10
CA TRP A 87 -12.62 8.24 -15.94
C TRP A 87 -12.45 6.81 -16.44
N VAL A 88 -11.56 6.04 -15.80
CA VAL A 88 -11.48 4.59 -16.06
C VAL A 88 -11.74 3.77 -14.81
N LEU A 89 -12.53 2.72 -14.98
CA LEU A 89 -12.67 1.72 -13.93
C LEU A 89 -11.95 0.46 -14.39
N VAL A 90 -10.97 0.04 -13.60
CA VAL A 90 -10.19 -1.16 -13.90
C VAL A 90 -10.42 -2.23 -12.82
N LEU A 91 -10.27 -3.50 -13.20
CA LEU A 91 -10.27 -4.60 -12.25
C LEU A 91 -8.90 -5.23 -12.34
N VAL A 92 -8.23 -5.34 -11.20
CA VAL A 92 -6.89 -5.92 -11.11
C VAL A 92 -6.94 -7.15 -10.22
N ASN A 93 -6.61 -8.32 -10.77
CA ASN A 93 -6.51 -9.52 -9.97
C ASN A 93 -5.21 -9.54 -9.19
N ALA A 94 -5.22 -10.21 -8.04
CA ALA A 94 -3.98 -10.58 -7.37
C ALA A 94 -2.97 -11.03 -8.42
N GLY A 95 -1.74 -10.53 -8.32
CA GLY A 95 -0.70 -10.91 -9.27
C GLY A 95 -0.72 -10.15 -10.59
N GLY A 96 -1.62 -9.19 -10.75
CA GLY A 96 -1.64 -8.30 -11.93
C GLY A 96 -2.29 -8.87 -13.18
N GLU A 97 -2.90 -10.04 -13.07
CA GLU A 97 -3.51 -10.74 -14.19
C GLU A 97 -4.50 -11.75 -13.62
N PRO A 98 -5.72 -11.82 -14.17
CA PRO A 98 -6.18 -10.98 -15.28
C PRO A 98 -6.39 -9.51 -14.88
N PHE A 99 -6.41 -8.66 -15.89
CA PHE A 99 -6.58 -7.23 -15.72
C PHE A 99 -7.47 -6.74 -16.84
N ALA A 100 -8.32 -5.76 -16.57
CA ALA A 100 -9.02 -5.05 -17.65
C ALA A 100 -9.55 -3.70 -17.22
N VAL A 101 -9.68 -2.82 -18.20
CA VAL A 101 -10.54 -1.65 -18.07
C VAL A 101 -11.97 -2.18 -18.29
N VAL A 102 -12.83 -2.05 -17.30
CA VAL A 102 -14.19 -2.59 -17.41
C VAL A 102 -15.22 -1.52 -17.80
N GLN A 103 -14.82 -0.25 -17.66
CA GLN A 103 -15.70 0.87 -17.93
C GLN A 103 -14.89 2.17 -18.07
N VAL A 104 -15.33 2.98 -19.03
CA VAL A 104 -14.76 4.28 -19.30
C VAL A 104 -15.92 5.28 -19.23
N GLN A 105 -15.68 6.47 -18.68
CA GLN A 105 -16.72 7.52 -18.64
C GLN A 105 -16.11 8.87 -19.00
N ARG A 106 -16.66 9.54 -20.01
CA ARG A 106 -16.22 10.90 -20.34
C ARG A 106 -16.56 11.87 -19.21
N ARG A 107 -17.75 11.70 -18.62
CA ARG A 107 -18.17 12.50 -17.48
C ARG A 107 -18.52 11.58 -16.30
N PHE A 108 -18.01 11.92 -15.12
CA PHE A 108 -18.22 11.14 -13.90
C PHE A 108 -19.69 10.73 -13.75
N ALA A 109 -19.92 9.42 -13.71
CA ALA A 109 -21.28 8.90 -13.53
C ALA A 109 -21.26 8.01 -12.30
N SER A 110 -21.57 8.60 -11.16
CA SER A 110 -21.40 7.95 -9.86
C SER A 110 -22.27 6.71 -9.71
N GLU A 111 -23.51 6.79 -10.18
CA GLU A 111 -24.44 5.66 -10.09
C GLU A 111 -23.98 4.49 -10.93
N ALA A 112 -23.39 4.78 -12.10
CA ALA A 112 -22.90 3.73 -12.98
C ALA A 112 -21.71 2.99 -12.38
N VAL A 113 -20.83 3.71 -11.69
CA VAL A 113 -19.72 3.07 -10.97
C VAL A 113 -20.26 2.16 -9.87
N SER A 114 -21.13 2.69 -9.02
CA SER A 114 -21.70 1.90 -7.91
C SER A 114 -22.42 0.63 -8.40
N HIS A 115 -23.14 0.77 -9.52
CA HIS A 115 -23.83 -0.37 -10.13
C HIS A 115 -22.88 -1.43 -10.63
N SER A 116 -21.83 -1.02 -11.33
CA SER A 116 -20.78 -1.95 -11.78
C SER A 116 -20.10 -2.67 -10.62
N LEU A 117 -19.85 -1.93 -9.53
CA LEU A 117 -19.25 -2.52 -8.35
C LEU A 117 -20.19 -3.53 -7.69
N ALA A 118 -21.49 -3.21 -7.61
CA ALA A 118 -22.47 -4.13 -7.04
C ALA A 118 -22.59 -5.41 -7.88
N LEU A 119 -22.46 -5.27 -9.19
CA LEU A 119 -22.50 -6.44 -10.06
C LEU A 119 -21.25 -7.29 -9.86
N ALA A 120 -20.08 -6.66 -9.77
CA ALA A 120 -18.86 -7.41 -9.49
C ALA A 120 -18.98 -8.21 -8.17
N ALA A 121 -19.50 -7.56 -7.12
CA ALA A 121 -19.68 -8.20 -5.82
C ALA A 121 -20.66 -9.35 -5.88
N SER A 122 -21.73 -9.14 -6.65
CA SER A 122 -22.77 -10.13 -6.85
C SER A 122 -22.24 -11.37 -7.57
N LEU A 123 -21.55 -11.16 -8.69
CA LEU A 123 -20.94 -12.26 -9.46
C LEU A 123 -19.90 -13.03 -8.65
N ASP A 124 -19.13 -12.30 -7.83
CA ASP A 124 -18.10 -12.88 -7.01
C ASP A 124 -18.69 -13.84 -5.96
N THR A 125 -19.75 -13.41 -5.27
CA THR A 125 -20.52 -14.28 -4.36
C THR A 125 -21.10 -15.51 -5.06
N GLN A 126 -21.69 -15.30 -6.23
CA GLN A 126 -22.25 -16.40 -7.03
C GLN A 126 -21.17 -17.34 -7.61
N GLY A 127 -19.91 -17.10 -7.26
CA GLY A 127 -18.78 -17.99 -7.61
C GLY A 127 -18.20 -17.87 -9.00
N TYR A 128 -18.42 -16.73 -9.68
CA TYR A 128 -17.84 -16.49 -10.99
C TYR A 128 -16.33 -16.28 -10.88
N SER A 129 -15.59 -16.78 -11.87
CA SER A 129 -14.15 -16.53 -11.92
C SER A 129 -13.90 -15.06 -12.28
N VAL A 130 -12.73 -14.56 -11.91
CA VAL A 130 -12.39 -13.19 -12.22
C VAL A 130 -12.38 -12.94 -13.73
N ASN A 131 -11.86 -13.91 -14.51
CA ASN A 131 -11.94 -13.85 -15.98
C ASN A 131 -13.38 -13.63 -16.47
N ASP A 132 -14.32 -14.32 -15.86
CA ASP A 132 -15.73 -14.22 -16.23
C ASP A 132 -16.35 -12.91 -15.74
N ILE A 133 -15.95 -12.45 -14.57
CA ILE A 133 -16.43 -11.16 -14.03
C ILE A 133 -15.99 -10.02 -14.95
N ILE A 134 -14.73 -10.05 -15.38
CA ILE A 134 -14.22 -9.08 -16.35
C ILE A 134 -15.09 -9.02 -17.63
N HIS A 135 -15.26 -10.17 -18.28
CA HIS A 135 -16.01 -10.27 -19.54
C HIS A 135 -17.46 -9.75 -19.35
N ILE A 136 -18.06 -10.07 -18.20
CA ILE A 136 -19.42 -9.61 -17.90
C ILE A 136 -19.49 -8.10 -17.61
N LEU A 137 -18.58 -7.59 -16.79
CA LEU A 137 -18.53 -6.16 -16.48
C LEU A 137 -18.20 -5.29 -17.69
N MSE A 138 -17.35 -5.80 -18.59
CA MSE A 138 -17.07 -5.10 -19.84
C MSE A 138 -18.33 -4.95 -20.70
O MSE A 138 -18.55 -3.88 -21.29
CB MSE A 138 -15.94 -5.78 -20.62
CG MSE A 138 -14.56 -5.49 -20.05
SE MSE A 138 -13.18 -6.55 -20.93
CE MSE A 138 -13.00 -5.47 -22.55
N ALA A 139 -19.15 -6.00 -20.77
CA ALA A 139 -20.44 -5.93 -21.45
C ALA A 139 -21.40 -4.96 -20.76
N GLU A 140 -21.51 -5.06 -19.43
CA GLU A 140 -22.30 -4.10 -18.65
C GLU A 140 -21.76 -2.67 -18.72
N GLY A 141 -20.43 -2.53 -18.75
CA GLY A 141 -19.80 -1.20 -18.85
C GLY A 141 -19.69 -0.61 -20.24
N GLY A 142 -20.06 -1.38 -21.26
CA GLY A 142 -20.02 -0.92 -22.66
C GLY A 142 -18.64 -1.00 -23.30
N GLN A 143 -17.72 -1.72 -22.65
CA GLN A 143 -16.38 -1.97 -23.17
C GLN A 143 -16.37 -3.19 -24.09
N LEU B 5 25.96 2.05 10.18
CA LEU B 5 25.06 0.86 10.30
C LEU B 5 25.68 -0.30 9.54
N THR B 6 25.83 -1.43 10.22
CA THR B 6 26.32 -2.69 9.65
C THR B 6 25.52 -3.78 10.36
N LEU B 7 25.71 -5.03 9.97
CA LEU B 7 25.05 -6.15 10.66
C LEU B 7 25.31 -6.11 12.17
N ASN B 8 26.56 -5.92 12.57
CA ASN B 8 26.94 -5.83 13.98
C ASN B 8 26.18 -4.73 14.74
N VAL B 9 26.06 -3.55 14.13
CA VAL B 9 25.30 -2.45 14.72
C VAL B 9 23.82 -2.81 14.87
N LEU B 10 23.24 -3.46 13.86
CA LEU B 10 21.82 -3.82 13.90
C LEU B 10 21.54 -4.79 15.04
N GLN B 11 22.51 -5.67 15.31
CA GLN B 11 22.41 -6.66 16.36
C GLN B 11 22.62 -6.04 17.74
N THR B 12 23.42 -4.97 17.81
CA THR B 12 23.73 -4.32 19.07
C THR B 12 22.60 -3.41 19.57
N MSE B 13 21.94 -2.71 18.64
CA MSE B 13 20.88 -1.76 18.98
C MSE B 13 19.69 -2.44 19.65
O MSE B 13 19.24 -3.49 19.18
CB MSE B 13 20.38 -1.07 17.70
CG MSE B 13 21.31 -0.02 17.10
SE MSE B 13 20.83 0.29 15.21
CE MSE B 13 18.90 0.55 15.38
N ASN B 14 19.18 -1.85 20.73
CA ASN B 14 17.93 -2.31 21.32
C ASN B 14 16.68 -1.63 20.72
N ALA B 15 15.50 -2.04 21.19
CA ALA B 15 14.21 -1.51 20.74
C ALA B 15 14.16 0.02 20.75
N GLN B 16 14.59 0.63 21.86
CA GLN B 16 14.54 2.09 21.98
C GLN B 16 15.38 2.77 20.88
N GLU B 17 16.56 2.21 20.59
CA GLU B 17 17.40 2.77 19.52
C GLU B 17 16.79 2.67 18.11
N TYR B 18 16.11 1.56 17.83
CA TYR B 18 15.33 1.46 16.58
C TYR B 18 14.32 2.61 16.45
N GLU B 19 13.59 2.88 17.54
CA GLU B 19 12.64 3.99 17.57
C GLU B 19 13.29 5.38 17.48
N ASP B 20 14.44 5.57 18.13
CA ASP B 20 15.18 6.84 18.07
C ASP B 20 15.65 7.18 16.65
N ILE B 21 16.09 6.17 15.89
CA ILE B 21 16.48 6.40 14.50
C ILE B 21 15.26 6.76 13.63
N ARG B 22 14.14 6.06 13.85
CA ARG B 22 12.89 6.43 13.17
C ARG B 22 12.48 7.86 13.53
N ALA B 23 12.58 8.20 14.82
CA ALA B 23 12.21 9.52 15.32
C ALA B 23 13.13 10.60 14.80
N ALA B 24 14.36 10.23 14.45
CA ALA B 24 15.36 11.19 13.99
C ALA B 24 14.99 11.79 12.63
N GLY B 25 14.18 11.07 11.87
CA GLY B 25 13.70 11.59 10.59
C GLY B 25 13.71 10.57 9.47
N SER B 26 13.13 10.97 8.35
CA SER B 26 12.90 10.13 7.18
C SER B 26 14.14 9.56 6.52
N ASP B 27 15.18 10.39 6.37
CA ASP B 27 16.47 9.99 5.79
C ASP B 27 17.22 8.98 6.67
N GLU B 28 17.25 9.23 7.97
CA GLU B 28 17.87 8.33 8.94
C GLU B 28 17.15 6.98 8.95
N ARG B 29 15.81 7.02 8.92
CA ARG B 29 15.03 5.81 8.93
C ARG B 29 15.27 4.98 7.67
N ARG B 30 15.36 5.65 6.53
CA ARG B 30 15.58 4.99 5.24
C ARG B 30 16.92 4.27 5.18
N GLU B 31 17.95 4.91 5.73
CA GLU B 31 19.28 4.30 5.81
C GLU B 31 19.23 3.04 6.66
N LEU B 32 18.51 3.11 7.79
CA LEU B 32 18.30 1.95 8.66
C LEU B 32 17.58 0.81 7.93
N THR B 33 16.47 1.15 7.25
CA THR B 33 15.72 0.19 6.44
C THR B 33 16.60 -0.45 5.36
N HIS B 34 17.39 0.36 4.66
CA HIS B 34 18.28 -0.18 3.63
C HIS B 34 19.40 -1.05 4.20
N ALA B 35 19.86 -0.73 5.40
CA ALA B 35 20.93 -1.53 6.01
C ALA B 35 20.40 -2.90 6.39
N VAL B 36 19.15 -2.95 6.83
CA VAL B 36 18.48 -4.22 7.10
C VAL B 36 18.31 -5.03 5.81
N MSE B 37 17.80 -4.38 4.77
CA MSE B 37 17.48 -5.05 3.50
C MSE B 37 18.71 -5.62 2.81
O MSE B 37 18.67 -6.71 2.26
CB MSE B 37 16.75 -4.10 2.55
CG MSE B 37 15.32 -3.85 2.96
SE MSE B 37 14.46 -2.48 1.87
CE MSE B 37 14.17 -3.56 0.27
N ARG B 38 19.81 -4.86 2.88
CA ARG B 38 21.08 -5.28 2.30
C ARG B 38 21.56 -6.63 2.85
N GLU B 39 21.12 -6.97 4.07
CA GLU B 39 21.54 -8.19 4.76
C GLU B 39 20.64 -9.39 4.46
N LEU B 40 19.60 -9.15 3.66
CA LEU B 40 18.60 -10.17 3.36
C LEU B 40 18.60 -10.53 1.88
N ASP B 41 18.15 -11.75 1.58
CA ASP B 41 17.96 -12.18 0.20
C ASP B 41 16.51 -12.55 -0.02
N ALA B 42 15.87 -11.89 -0.99
CA ALA B 42 14.56 -12.31 -1.44
C ALA B 42 14.67 -13.57 -2.32
N PRO B 43 13.74 -14.52 -2.13
CA PRO B 43 13.65 -15.68 -3.02
C PRO B 43 13.42 -15.26 -4.46
N ASP B 44 13.81 -16.12 -5.39
CA ASP B 44 13.58 -15.91 -6.82
C ASP B 44 12.10 -15.68 -7.11
N ASN B 45 11.81 -14.68 -7.92
CA ASN B 45 10.43 -14.31 -8.29
C ASN B 45 9.61 -13.78 -7.11
N TRP B 46 10.28 -13.32 -6.06
CA TRP B 46 9.65 -12.59 -4.97
C TRP B 46 10.23 -11.18 -4.98
N THR B 47 9.43 -10.20 -4.53
CA THR B 47 9.98 -8.87 -4.31
C THR B 47 10.21 -8.61 -2.82
N MSE B 48 11.04 -7.62 -2.55
CA MSE B 48 11.33 -7.18 -1.22
C MSE B 48 11.17 -5.66 -1.22
O MSE B 48 11.74 -4.98 -2.07
CB MSE B 48 12.76 -7.57 -0.85
CG MSE B 48 13.21 -7.03 0.50
SE MSE B 48 15.06 -7.49 0.99
CE MSE B 48 15.99 -7.02 -0.65
N ASN B 49 10.38 -5.17 -0.28
CA ASN B 49 10.08 -3.73 -0.17
CA ASN B 49 10.13 -3.74 -0.17
C ASN B 49 10.09 -3.32 1.30
N GLY B 50 10.82 -2.25 1.62
CA GLY B 50 10.84 -1.70 2.97
C GLY B 50 9.85 -0.55 3.09
N GLU B 51 9.31 -0.33 4.27
CA GLU B 51 8.42 0.81 4.45
C GLU B 51 9.22 2.12 4.48
N TYR B 52 8.82 3.08 3.66
CA TYR B 52 9.49 4.37 3.68
CA TYR B 52 9.45 4.40 3.57
C TYR B 52 8.73 5.41 4.48
N GLY B 53 7.40 5.32 4.51
CA GLY B 53 6.58 6.21 5.32
C GLY B 53 5.65 5.43 6.24
N SER B 54 4.36 5.51 5.96
CA SER B 54 3.37 4.78 6.75
C SER B 54 2.51 3.86 5.89
N GLU B 55 2.94 3.60 4.65
CA GLU B 55 2.15 2.81 3.69
C GLU B 55 1.94 1.34 4.13
N PHE B 56 2.81 0.84 5.00
CA PHE B 56 2.62 -0.51 5.58
C PHE B 56 2.12 -0.43 7.04
N GLY B 57 1.56 0.72 7.42
CA GLY B 57 1.03 0.88 8.78
C GLY B 57 1.88 1.70 9.73
N GLY B 58 3.19 1.77 9.48
CA GLY B 58 4.11 2.54 10.33
C GLY B 58 4.35 2.00 11.74
N PHE B 59 3.89 0.79 12.04
CA PHE B 59 4.00 0.26 13.41
C PHE B 59 5.44 0.05 13.88
N PHE B 60 6.35 -0.29 12.95
CA PHE B 60 7.68 -0.73 13.30
C PHE B 60 8.74 0.16 12.67
N PRO B 61 9.79 0.52 13.45
CA PRO B 61 10.85 1.35 12.89
C PRO B 61 11.35 0.84 11.52
N VAL B 62 11.53 -0.47 11.41
CA VAL B 62 11.80 -1.10 10.11
C VAL B 62 10.79 -2.18 9.83
N GLN B 63 10.22 -2.15 8.63
CA GLN B 63 9.31 -3.19 8.21
C GLN B 63 9.62 -3.52 6.76
N VAL B 64 9.99 -4.77 6.51
CA VAL B 64 10.30 -5.21 5.15
C VAL B 64 9.33 -6.30 4.77
N ARG B 65 8.62 -6.11 3.66
CA ARG B 65 7.70 -7.12 3.14
C ARG B 65 8.32 -7.93 2.01
N PHE B 66 8.00 -9.22 1.98
CA PHE B 66 8.48 -10.15 0.95
C PHE B 66 7.27 -10.81 0.32
N THR B 67 7.15 -10.71 -1.00
CA THR B 67 5.90 -11.05 -1.68
C THR B 67 6.17 -11.85 -2.94
N PRO B 68 5.58 -13.06 -3.04
CA PRO B 68 5.63 -13.85 -4.27
C PRO B 68 4.85 -13.15 -5.37
N ALA B 69 5.20 -13.43 -6.63
CA ALA B 69 4.58 -12.74 -7.76
C ALA B 69 3.05 -12.92 -7.84
N HIS B 70 2.57 -14.09 -7.40
CA HIS B 70 1.12 -14.36 -7.42
C HIS B 70 0.34 -13.60 -6.31
N GLU B 71 1.03 -13.08 -5.30
CA GLU B 71 0.42 -12.19 -4.30
C GLU B 71 -0.73 -12.81 -3.48
N ARG B 72 -0.75 -14.14 -3.34
CA ARG B 72 -1.75 -14.82 -2.51
C ARG B 72 -1.48 -14.61 -1.02
N PHE B 73 -0.25 -14.26 -0.69
CA PHE B 73 0.16 -13.99 0.70
C PHE B 73 1.48 -13.22 0.67
N HIS B 74 1.89 -12.72 1.82
CA HIS B 74 3.23 -12.14 1.93
C HIS B 74 3.76 -12.37 3.34
N LEU B 75 5.06 -12.16 3.51
CA LEU B 75 5.63 -12.11 4.85
CA LEU B 75 5.67 -12.14 4.83
C LEU B 75 6.15 -10.73 5.13
N ALA B 76 6.25 -10.38 6.41
CA ALA B 76 6.76 -9.09 6.79
C ALA B 76 7.71 -9.28 7.97
N LEU B 77 8.91 -8.73 7.84
CA LEU B 77 9.86 -8.68 8.93
C LEU B 77 9.69 -7.33 9.64
N CYS B 78 9.43 -7.37 10.94
CA CYS B 78 9.13 -6.18 11.71
C CYS B 78 10.16 -6.01 12.82
N SER B 79 10.75 -4.81 12.92
CA SER B 79 11.84 -4.57 13.84
C SER B 79 11.36 -4.36 15.29
N PRO B 80 12.28 -4.51 16.26
CA PRO B 80 12.00 -4.06 17.61
C PRO B 80 11.66 -2.57 17.64
N GLY B 81 10.96 -2.15 18.70
CA GLY B 81 10.57 -0.77 18.88
C GLY B 81 9.51 -0.71 19.98
N ASP B 82 8.63 0.29 19.92
CA ASP B 82 7.60 0.46 20.94
C ASP B 82 6.62 -0.72 21.00
N VAL B 83 6.30 -1.28 19.85
CA VAL B 83 5.30 -2.34 19.76
C VAL B 83 5.83 -3.72 20.18
N SER B 84 7.05 -4.05 19.77
CA SER B 84 7.63 -5.37 20.04
C SER B 84 9.09 -5.24 20.51
N GLN B 85 9.45 -5.97 21.57
CA GLN B 85 10.84 -5.97 22.04
C GLN B 85 11.76 -6.78 21.11
N VAL B 86 11.16 -7.57 20.22
CA VAL B 86 11.89 -8.54 19.40
C VAL B 86 11.53 -8.37 17.92
N TRP B 87 12.43 -8.83 17.03
CA TRP B 87 12.11 -8.94 15.62
C TRP B 87 11.04 -10.01 15.47
N VAL B 88 10.01 -9.74 14.66
CA VAL B 88 9.04 -10.77 14.36
C VAL B 88 8.91 -10.94 12.85
N LEU B 89 8.90 -12.18 12.39
CA LEU B 89 8.59 -12.47 11.00
C LEU B 89 7.18 -13.04 10.97
N VAL B 90 6.27 -12.36 10.26
CA VAL B 90 4.88 -12.79 10.17
C VAL B 90 4.53 -13.23 8.76
N LEU B 91 3.55 -14.13 8.63
CA LEU B 91 3.03 -14.47 7.32
C LEU B 91 1.56 -14.04 7.33
N VAL B 92 1.19 -13.26 6.32
CA VAL B 92 -0.16 -12.74 6.20
C VAL B 92 -0.76 -13.21 4.88
N ASN B 93 -1.77 -14.05 4.97
CA ASN B 93 -2.52 -14.46 3.80
C ASN B 93 -3.45 -13.33 3.31
N ALA B 94 -3.75 -13.34 2.02
CA ALA B 94 -4.84 -12.51 1.50
C ALA B 94 -6.07 -12.65 2.38
N GLY B 95 -6.72 -11.53 2.68
CA GLY B 95 -7.89 -11.56 3.55
C GLY B 95 -7.57 -11.55 5.03
N GLY B 96 -6.28 -11.53 5.39
CA GLY B 96 -5.84 -11.38 6.78
C GLY B 96 -5.84 -12.65 7.62
N GLU B 97 -6.17 -13.77 6.96
CA GLU B 97 -6.28 -15.06 7.61
C GLU B 97 -6.06 -16.12 6.53
N PRO B 98 -5.23 -17.15 6.82
CA PRO B 98 -4.48 -17.34 8.07
C PRO B 98 -3.35 -16.35 8.27
N PHE B 99 -2.93 -16.21 9.53
CA PHE B 99 -1.87 -15.30 9.95
C PHE B 99 -1.06 -15.99 11.04
N ALA B 100 0.24 -15.75 11.05
CA ALA B 100 1.05 -16.20 12.17
C ALA B 100 2.38 -15.47 12.24
N VAL B 101 2.88 -15.35 13.45
CA VAL B 101 4.27 -15.06 13.71
C VAL B 101 4.98 -16.39 13.51
N VAL B 102 5.84 -16.49 12.50
CA VAL B 102 6.53 -17.74 12.19
C VAL B 102 7.94 -17.80 12.76
N GLN B 103 8.47 -16.65 13.15
CA GLN B 103 9.79 -16.55 13.77
C GLN B 103 9.92 -15.27 14.58
N VAL B 104 10.59 -15.39 15.72
CA VAL B 104 10.87 -14.27 16.60
C VAL B 104 12.39 -14.27 16.86
N GLN B 105 13.03 -13.10 16.82
CA GLN B 105 14.45 -12.99 17.13
C GLN B 105 14.72 -11.84 18.09
N ARG B 106 15.38 -12.16 19.20
CA ARG B 106 15.83 -11.17 20.16
C ARG B 106 16.82 -10.21 19.49
N ARG B 107 17.70 -10.77 18.67
CA ARG B 107 18.71 -10.01 17.95
C ARG B 107 18.60 -10.37 16.48
N PHE B 108 18.72 -9.36 15.61
CA PHE B 108 18.62 -9.56 14.17
C PHE B 108 19.50 -10.69 13.66
N ALA B 109 18.85 -11.73 13.13
CA ALA B 109 19.56 -12.85 12.54
C ALA B 109 19.22 -12.88 11.06
N SER B 110 20.03 -12.18 10.28
CA SER B 110 19.72 -11.96 8.86
C SER B 110 19.57 -13.27 8.11
N GLU B 111 20.52 -14.17 8.32
CA GLU B 111 20.58 -15.43 7.57
C GLU B 111 19.40 -16.35 7.87
N ALA B 112 19.02 -16.43 9.15
CA ALA B 112 17.82 -17.16 9.55
C ALA B 112 16.56 -16.61 8.85
N VAL B 113 16.45 -15.29 8.73
CA VAL B 113 15.32 -14.71 8.00
C VAL B 113 15.33 -15.16 6.54
N SER B 114 16.47 -15.02 5.86
CA SER B 114 16.57 -15.42 4.46
C SER B 114 16.26 -16.90 4.23
N HIS B 115 16.65 -17.73 5.19
CA HIS B 115 16.39 -19.17 5.11
C HIS B 115 14.93 -19.52 5.28
N SER B 116 14.25 -18.87 6.23
CA SER B 116 12.80 -19.05 6.38
C SER B 116 12.05 -18.60 5.14
N LEU B 117 12.51 -17.51 4.54
CA LEU B 117 11.90 -17.02 3.30
C LEU B 117 12.08 -18.00 2.14
N ALA B 118 13.29 -18.54 2.00
CA ALA B 118 13.58 -19.53 0.95
C ALA B 118 12.75 -20.81 1.11
N LEU B 119 12.54 -21.21 2.36
CA LEU B 119 11.71 -22.37 2.66
C LEU B 119 10.25 -22.08 2.35
N ALA B 120 9.78 -20.88 2.69
CA ALA B 120 8.42 -20.48 2.34
C ALA B 120 8.22 -20.53 0.84
N ALA B 121 9.16 -19.92 0.09
CA ALA B 121 9.13 -19.96 -1.38
C ALA B 121 9.16 -21.39 -1.94
N SER B 122 9.98 -22.24 -1.32
CA SER B 122 10.09 -23.63 -1.76
C SER B 122 8.77 -24.38 -1.55
N LEU B 123 8.21 -24.28 -0.34
CA LEU B 123 6.95 -24.95 0.00
C LEU B 123 5.80 -24.48 -0.90
N ASP B 124 5.76 -23.16 -1.17
CA ASP B 124 4.74 -22.57 -2.04
C ASP B 124 4.84 -23.12 -3.47
N THR B 125 6.07 -23.29 -3.94
CA THR B 125 6.33 -23.85 -5.27
C THR B 125 5.93 -25.33 -5.36
N GLN B 126 6.18 -26.08 -4.28
CA GLN B 126 5.81 -27.50 -4.20
C GLN B 126 4.29 -27.71 -3.97
N GLY B 127 3.55 -26.61 -3.82
CA GLY B 127 2.09 -26.66 -3.79
C GLY B 127 1.42 -26.74 -2.42
N TYR B 128 2.16 -26.41 -1.36
CA TYR B 128 1.60 -26.43 -0.02
C TYR B 128 0.68 -25.24 0.19
N SER B 129 -0.39 -25.46 0.94
CA SER B 129 -1.29 -24.38 1.33
C SER B 129 -0.61 -23.49 2.37
N VAL B 130 -1.13 -22.27 2.51
CA VAL B 130 -0.60 -21.30 3.46
C VAL B 130 -0.67 -21.80 4.90
N ASN B 131 -1.78 -22.43 5.28
CA ASN B 131 -1.88 -23.10 6.60
C ASN B 131 -0.72 -24.07 6.85
N ASP B 132 -0.43 -24.89 5.85
CA ASP B 132 0.66 -25.88 5.95
C ASP B 132 2.02 -25.19 6.00
N ILE B 133 2.18 -24.14 5.21
CA ILE B 133 3.41 -23.36 5.17
C ILE B 133 3.66 -22.71 6.54
N ILE B 134 2.62 -22.10 7.11
CA ILE B 134 2.68 -21.56 8.48
C ILE B 134 3.16 -22.64 9.47
N HIS B 135 2.49 -23.79 9.48
CA HIS B 135 2.77 -24.87 10.43
C HIS B 135 4.23 -25.38 10.31
N ILE B 136 4.70 -25.50 9.08
CA ILE B 136 6.08 -25.90 8.80
C ILE B 136 7.11 -24.83 9.18
N LEU B 137 6.87 -23.57 8.80
CA LEU B 137 7.81 -22.49 9.12
C LEU B 137 7.89 -22.28 10.62
N MSE B 138 6.78 -22.43 11.32
CA MSE B 138 6.78 -22.37 12.79
C MSE B 138 7.62 -23.46 13.42
O MSE B 138 8.27 -23.23 14.45
CB MSE B 138 5.37 -22.36 13.37
CG MSE B 138 4.71 -20.99 13.33
SE MSE B 138 2.84 -21.07 13.82
CE MSE B 138 3.05 -20.72 15.75
N ALA B 139 7.64 -24.65 12.83
CA ALA B 139 8.56 -25.71 13.27
C ALA B 139 10.01 -25.35 12.95
N GLU B 140 10.27 -24.86 11.74
CA GLU B 140 11.60 -24.42 11.31
C GLU B 140 12.10 -23.19 12.09
N GLY B 141 11.24 -22.20 12.28
CA GLY B 141 11.60 -20.96 12.98
C GLY B 141 11.62 -21.05 14.50
N GLY B 142 11.33 -22.23 15.05
CA GLY B 142 11.36 -22.47 16.49
C GLY B 142 10.10 -22.08 17.26
N GLN B 143 9.03 -21.72 16.55
CA GLN B 143 7.75 -21.36 17.17
C GLN B 143 6.93 -22.61 17.50
N LEU C 5 12.14 -11.27 -28.31
CA LEU C 5 11.66 -9.89 -28.01
C LEU C 5 12.77 -8.86 -28.20
N THR C 6 12.99 -8.48 -29.46
CA THR C 6 13.97 -7.48 -29.83
C THR C 6 13.39 -6.08 -29.67
N LEU C 7 14.23 -5.06 -29.84
CA LEU C 7 13.79 -3.67 -29.76
C LEU C 7 12.71 -3.37 -30.80
N ASN C 8 12.93 -3.88 -32.02
CA ASN C 8 11.98 -3.71 -33.12
C ASN C 8 10.63 -4.35 -32.86
N VAL C 9 10.64 -5.52 -32.23
CA VAL C 9 9.42 -6.21 -31.81
C VAL C 9 8.69 -5.39 -30.74
N LEU C 10 9.45 -4.83 -29.79
CA LEU C 10 8.87 -3.96 -28.75
C LEU C 10 8.26 -2.68 -29.34
N GLN C 11 8.82 -2.22 -30.48
CA GLN C 11 8.37 -0.99 -31.15
C GLN C 11 7.12 -1.18 -32.02
N THR C 12 6.96 -2.38 -32.58
CA THR C 12 5.88 -2.65 -33.54
C THR C 12 4.60 -3.17 -32.88
N MSE C 13 4.76 -3.75 -31.69
CA MSE C 13 3.64 -4.25 -30.88
C MSE C 13 2.65 -3.15 -30.52
O MSE C 13 3.04 -2.08 -30.04
CB MSE C 13 4.15 -4.89 -29.60
CG MSE C 13 4.72 -6.29 -29.71
SE MSE C 13 5.55 -6.87 -28.03
CE MSE C 13 5.77 -8.75 -28.49
N ASN C 14 1.36 -3.41 -30.75
CA ASN C 14 0.32 -2.46 -30.34
C ASN C 14 -0.14 -2.67 -28.89
N ALA C 15 -1.08 -1.84 -28.45
CA ALA C 15 -1.65 -1.88 -27.10
C ALA C 15 -2.21 -3.26 -26.71
N GLN C 16 -3.01 -3.86 -27.60
CA GLN C 16 -3.61 -5.18 -27.33
C GLN C 16 -2.53 -6.26 -27.19
N GLU C 17 -1.49 -6.20 -28.01
CA GLU C 17 -0.42 -7.20 -27.96
C GLU C 17 0.41 -7.11 -26.67
N TYR C 18 0.48 -5.92 -26.09
CA TYR C 18 1.06 -5.76 -24.75
C TYR C 18 0.16 -6.40 -23.68
N GLU C 19 -1.14 -6.12 -23.74
CA GLU C 19 -2.13 -6.77 -22.86
C GLU C 19 -2.19 -8.29 -23.05
N ASP C 20 -1.92 -8.75 -24.28
CA ASP C 20 -1.94 -10.19 -24.59
C ASP C 20 -0.84 -10.96 -23.87
N ILE C 21 0.35 -10.38 -23.80
CA ILE C 21 1.46 -11.03 -23.09
C ILE C 21 1.23 -11.01 -21.58
N ARG C 22 0.67 -9.91 -21.07
CA ARG C 22 0.28 -9.89 -19.66
C ARG C 22 -0.75 -10.98 -19.37
N ALA C 23 -1.71 -11.14 -20.28
CA ALA C 23 -2.77 -12.14 -20.13
C ALA C 23 -2.24 -13.56 -20.22
N ALA C 24 -1.15 -13.76 -20.95
CA ALA C 24 -0.56 -15.09 -21.16
C ALA C 24 0.00 -15.68 -19.87
N GLY C 25 0.48 -14.82 -18.98
CA GLY C 25 0.95 -15.31 -17.68
C GLY C 25 2.11 -14.55 -17.09
N SER C 26 2.40 -14.86 -15.83
CA SER C 26 3.38 -14.13 -15.04
C SER C 26 4.81 -14.24 -15.60
N ASP C 27 5.19 -15.43 -16.08
CA ASP C 27 6.51 -15.66 -16.66
C ASP C 27 6.68 -14.97 -18.03
N GLU C 28 5.60 -14.98 -18.81
CA GLU C 28 5.56 -14.32 -20.10
C GLU C 28 5.66 -12.81 -19.91
N ARG C 29 4.92 -12.30 -18.93
CA ARG C 29 4.97 -10.87 -18.62
C ARG C 29 6.37 -10.47 -18.15
N ARG C 30 6.93 -11.25 -17.22
CA ARG C 30 8.28 -11.01 -16.68
C ARG C 30 9.33 -10.92 -17.79
N GLU C 31 9.28 -11.85 -18.74
CA GLU C 31 10.13 -11.82 -19.93
C GLU C 31 10.00 -10.49 -20.68
N LEU C 32 8.77 -10.06 -20.93
CA LEU C 32 8.51 -8.80 -21.62
C LEU C 32 9.10 -7.61 -20.86
N THR C 33 8.89 -7.59 -19.54
CA THR C 33 9.40 -6.53 -18.67
C THR C 33 10.94 -6.43 -18.74
N HIS C 34 11.62 -7.57 -18.68
CA HIS C 34 13.09 -7.60 -18.75
C HIS C 34 13.65 -7.11 -20.10
N ALA C 35 12.94 -7.43 -21.18
CA ALA C 35 13.32 -6.97 -22.52
C ALA C 35 13.21 -5.46 -22.63
N VAL C 36 12.17 -4.90 -22.00
CA VAL C 36 12.01 -3.44 -21.94
C VAL C 36 13.16 -2.81 -21.17
N MSE C 37 13.47 -3.37 -19.99
CA MSE C 37 14.52 -2.87 -19.11
C MSE C 37 15.93 -3.01 -19.69
O MSE C 37 16.78 -2.14 -19.48
CB MSE C 37 14.45 -3.57 -17.74
CG MSE C 37 13.16 -3.25 -16.96
SE MSE C 37 13.02 -4.34 -15.33
CE MSE C 37 14.21 -3.35 -14.17
N ARG C 38 16.15 -4.11 -20.41
CA ARG C 38 17.40 -4.40 -21.12
C ARG C 38 17.77 -3.30 -22.13
N GLU C 39 16.76 -2.62 -22.65
CA GLU C 39 16.93 -1.54 -23.63
C GLU C 39 17.17 -0.18 -22.97
N LEU C 40 17.01 -0.13 -21.65
CA LEU C 40 17.10 1.12 -20.91
C LEU C 40 18.38 1.16 -20.07
N ASP C 41 18.82 2.38 -19.75
CA ASP C 41 19.98 2.59 -18.90
C ASP C 41 19.60 3.42 -17.69
N ALA C 42 19.67 2.81 -16.50
CA ALA C 42 19.41 3.53 -15.26
C ALA C 42 20.59 4.43 -14.91
N PRO C 43 20.31 5.69 -14.56
CA PRO C 43 21.35 6.64 -14.14
C PRO C 43 22.13 6.15 -12.92
N ASP C 44 23.37 6.61 -12.77
CA ASP C 44 24.25 6.21 -11.66
C ASP C 44 23.63 6.53 -10.30
N ASN C 45 23.62 5.54 -9.40
CA ASN C 45 23.01 5.64 -8.07
C ASN C 45 21.48 5.63 -8.05
N TRP C 46 20.87 5.35 -9.20
CA TRP C 46 19.43 5.14 -9.30
C TRP C 46 19.12 3.65 -9.34
N THR C 47 17.92 3.29 -8.90
CA THR C 47 17.44 1.92 -9.09
C THR C 47 16.40 1.87 -10.20
N MSE C 48 16.34 0.71 -10.85
CA MSE C 48 15.38 0.44 -11.90
C MSE C 48 14.69 -0.87 -11.54
O MSE C 48 15.35 -1.90 -11.37
CB MSE C 48 16.09 0.33 -13.26
CG MSE C 48 15.14 0.09 -14.44
SE MSE C 48 16.00 -0.09 -16.18
CE MSE C 48 17.14 -1.65 -15.88
N ASN C 49 13.37 -0.81 -11.40
CA ASN C 49 12.56 -1.97 -11.03
C ASN C 49 11.34 -2.07 -11.92
N GLY C 50 11.05 -3.28 -12.36
CA GLY C 50 9.82 -3.53 -13.10
C GLY C 50 8.76 -4.11 -12.19
N GLU C 51 7.50 -4.03 -12.60
CA GLU C 51 6.39 -4.63 -11.86
C GLU C 51 6.16 -6.05 -12.34
N TYR C 52 6.12 -7.00 -11.42
CA TYR C 52 5.90 -8.40 -11.76
C TYR C 52 4.54 -8.94 -11.35
N GLY C 53 3.86 -8.21 -10.47
CA GLY C 53 2.50 -8.53 -10.07
C GLY C 53 1.65 -7.29 -10.18
N SER C 54 1.19 -6.78 -9.03
CA SER C 54 0.45 -5.51 -9.01
C SER C 54 1.05 -4.53 -8.01
N GLU C 55 2.31 -4.73 -7.65
CA GLU C 55 2.98 -3.90 -6.64
C GLU C 55 3.09 -2.43 -7.06
N PHE C 56 2.99 -2.14 -8.36
CA PHE C 56 3.01 -0.75 -8.86
C PHE C 56 1.61 -0.32 -9.34
N GLY C 57 0.58 -1.05 -8.92
CA GLY C 57 -0.81 -0.73 -9.27
C GLY C 57 -1.37 -1.67 -10.33
N GLY C 58 -0.48 -2.30 -11.10
CA GLY C 58 -0.90 -3.21 -12.17
C GLY C 58 -1.57 -2.59 -13.39
N PHE C 59 -1.56 -1.27 -13.50
CA PHE C 59 -2.32 -0.59 -14.56
C PHE C 59 -1.80 -0.85 -15.98
N PHE C 60 -0.50 -1.13 -16.10
CA PHE C 60 0.17 -1.18 -17.40
C PHE C 60 0.83 -2.53 -17.61
N PRO C 61 0.72 -3.09 -18.83
CA PRO C 61 1.34 -4.39 -19.08
C PRO C 61 2.80 -4.40 -18.69
N VAL C 62 3.51 -3.31 -19.00
CA VAL C 62 4.86 -3.11 -18.49
C VAL C 62 4.91 -1.78 -17.76
N GLN C 63 5.46 -1.81 -16.56
CA GLN C 63 5.73 -0.59 -15.81
C GLN C 63 7.12 -0.72 -15.21
N VAL C 64 7.98 0.24 -15.53
CA VAL C 64 9.34 0.28 -15.00
C VAL C 64 9.52 1.59 -14.24
N ARG C 65 9.95 1.48 -12.99
CA ARG C 65 10.22 2.65 -12.17
C ARG C 65 11.71 2.94 -12.03
N PHE C 66 12.04 4.23 -12.01
CA PHE C 66 13.43 4.68 -11.84
C PHE C 66 13.43 5.64 -10.69
N THR C 67 14.26 5.34 -9.68
CA THR C 67 14.23 6.07 -8.42
C THR C 67 15.65 6.48 -8.03
N PRO C 68 15.85 7.78 -7.72
CA PRO C 68 17.13 8.25 -7.18
C PRO C 68 17.34 7.67 -5.77
N ALA C 69 18.59 7.67 -5.31
CA ALA C 69 18.95 7.05 -4.04
C ALA C 69 18.21 7.64 -2.84
N HIS C 70 17.98 8.95 -2.88
CA HIS C 70 17.29 9.66 -1.79
C HIS C 70 15.76 9.40 -1.77
N GLU C 71 15.23 8.95 -2.91
CA GLU C 71 13.84 8.51 -3.03
C GLU C 71 12.77 9.57 -2.77
N ARG C 72 13.11 10.84 -2.99
CA ARG C 72 12.16 11.93 -2.84
C ARG C 72 11.09 11.91 -3.94
N PHE C 73 11.43 11.30 -5.07
CA PHE C 73 10.52 11.16 -6.21
C PHE C 73 10.94 9.95 -7.02
N HIS C 74 10.14 9.59 -8.00
CA HIS C 74 10.55 8.57 -8.96
C HIS C 74 9.92 8.89 -10.31
N LEU C 75 10.44 8.26 -11.35
CA LEU C 75 9.78 8.26 -12.65
C LEU C 75 9.28 6.86 -12.99
N ALA C 76 8.17 6.79 -13.72
CA ALA C 76 7.63 5.52 -14.13
C ALA C 76 7.37 5.53 -15.63
N LEU C 77 7.89 4.52 -16.32
CA LEU C 77 7.62 4.30 -17.72
C LEU C 77 6.48 3.28 -17.84
N CYS C 78 5.40 3.70 -18.48
CA CYS C 78 4.17 2.92 -18.55
C CYS C 78 3.82 2.56 -20.00
N SER C 79 3.73 1.25 -20.27
CA SER C 79 3.52 0.75 -21.63
C SER C 79 2.10 0.96 -22.18
N PRO C 80 1.94 0.84 -23.51
CA PRO C 80 0.61 0.74 -24.13
C PRO C 80 -0.19 -0.43 -23.55
N GLY C 81 -1.51 -0.35 -23.67
CA GLY C 81 -2.41 -1.38 -23.15
C GLY C 81 -3.83 -0.85 -23.12
N ASP C 82 -4.66 -1.38 -22.22
CA ASP C 82 -6.04 -0.93 -22.07
C ASP C 82 -6.14 0.53 -21.62
N VAL C 83 -5.27 0.93 -20.70
CA VAL C 83 -5.34 2.27 -20.12
C VAL C 83 -4.87 3.35 -21.11
N SER C 84 -3.76 3.10 -21.79
CA SER C 84 -3.14 4.11 -22.67
C SER C 84 -2.66 3.50 -23.99
N GLN C 85 -2.96 4.16 -25.09
CA GLN C 85 -2.51 3.72 -26.40
C GLN C 85 -1.01 3.93 -26.62
N VAL C 86 -0.41 4.78 -25.80
CA VAL C 86 0.98 5.20 -25.97
C VAL C 86 1.83 4.91 -24.72
N TRP C 87 3.13 4.82 -24.90
CA TRP C 87 4.08 4.81 -23.79
C TRP C 87 4.01 6.15 -23.06
N VAL C 88 3.97 6.10 -21.73
CA VAL C 88 3.93 7.32 -20.95
C VAL C 88 5.04 7.30 -19.92
N LEU C 89 5.83 8.37 -19.87
CA LEU C 89 6.80 8.58 -18.81
C LEU C 89 6.28 9.67 -17.87
N VAL C 90 6.09 9.29 -16.60
CA VAL C 90 5.61 10.23 -15.59
C VAL C 90 6.67 10.49 -14.53
N LEU C 91 6.56 11.63 -13.86
CA LEU C 91 7.38 11.91 -12.69
C LEU C 91 6.40 12.11 -11.54
N VAL C 92 6.62 11.37 -10.46
CA VAL C 92 5.75 11.44 -9.29
C VAL C 92 6.59 11.83 -8.09
N ASN C 93 6.33 13.02 -7.52
CA ASN C 93 6.88 13.34 -6.21
C ASN C 93 6.26 12.41 -5.16
N ALA C 94 7.02 12.09 -4.12
CA ALA C 94 6.48 11.36 -2.96
C ALA C 94 5.34 12.18 -2.38
N GLY C 95 4.23 11.55 -2.06
CA GLY C 95 3.09 12.33 -1.59
C GLY C 95 2.15 12.75 -2.72
N GLY C 96 2.52 12.47 -3.96
CA GLY C 96 1.64 12.64 -5.13
C GLY C 96 1.64 13.99 -5.85
N GLU C 97 2.37 14.96 -5.31
CA GLU C 97 2.44 16.31 -5.88
C GLU C 97 3.82 16.92 -5.59
N PRO C 98 4.47 17.51 -6.62
CA PRO C 98 3.99 17.61 -8.01
C PRO C 98 4.04 16.31 -8.80
N PHE C 99 3.29 16.30 -9.89
CA PHE C 99 3.16 15.17 -10.77
C PHE C 99 3.03 15.73 -12.18
N ALA C 100 3.59 15.01 -13.15
CA ALA C 100 3.33 15.28 -14.57
C ALA C 100 3.68 14.10 -15.44
N VAL C 101 2.99 14.02 -16.58
CA VAL C 101 3.47 13.32 -17.75
C VAL C 101 4.53 14.22 -18.41
N VAL C 102 5.76 13.72 -18.50
CA VAL C 102 6.88 14.50 -19.03
C VAL C 102 7.21 14.12 -20.48
N GLN C 103 6.69 12.98 -20.92
CA GLN C 103 6.92 12.47 -22.26
C GLN C 103 5.90 11.39 -22.60
N VAL C 104 5.43 11.42 -23.84
CA VAL C 104 4.65 10.32 -24.40
C VAL C 104 5.32 9.84 -25.67
N GLN C 105 5.29 8.53 -25.92
CA GLN C 105 5.83 7.97 -27.16
C GLN C 105 4.83 7.01 -27.77
N ARG C 106 4.58 7.19 -29.06
CA ARG C 106 3.69 6.31 -29.81
C ARG C 106 4.33 4.94 -30.00
N ARG C 107 5.63 4.92 -30.26
CA ARG C 107 6.39 3.69 -30.40
C ARG C 107 7.51 3.75 -29.39
N PHE C 108 7.78 2.62 -28.73
CA PHE C 108 8.87 2.54 -27.75
C PHE C 108 10.14 3.18 -28.28
N ALA C 109 10.62 4.19 -27.57
CA ALA C 109 11.85 4.87 -27.95
C ALA C 109 12.79 4.83 -26.74
N SER C 110 13.63 3.81 -26.73
CA SER C 110 14.45 3.45 -25.58
C SER C 110 15.51 4.49 -25.22
N GLU C 111 16.27 4.94 -26.22
CA GLU C 111 17.35 5.90 -26.01
C GLU C 111 16.80 7.22 -25.48
N ALA C 112 15.63 7.60 -25.96
CA ALA C 112 14.94 8.82 -25.52
C ALA C 112 14.55 8.76 -24.04
N VAL C 113 14.06 7.62 -23.58
CA VAL C 113 13.74 7.44 -22.17
C VAL C 113 14.99 7.61 -21.29
N SER C 114 16.06 6.89 -21.64
CA SER C 114 17.32 6.93 -20.89
C SER C 114 17.94 8.32 -20.79
N HIS C 115 17.81 9.10 -21.86
CA HIS C 115 18.29 10.49 -21.90
C HIS C 115 17.49 11.39 -20.97
N SER C 116 16.16 11.25 -20.97
CA SER C 116 15.32 12.01 -20.05
C SER C 116 15.69 11.67 -18.61
N LEU C 117 15.97 10.40 -18.36
CA LEU C 117 16.39 9.94 -17.03
C LEU C 117 17.74 10.53 -16.66
N ALA C 118 18.69 10.46 -17.59
CA ALA C 118 20.00 11.08 -17.40
C ALA C 118 19.85 12.57 -17.09
N LEU C 119 18.97 13.24 -17.84
CA LEU C 119 18.68 14.66 -17.58
C LEU C 119 18.07 14.89 -16.19
N ALA C 120 17.06 14.09 -15.85
CA ALA C 120 16.46 14.16 -14.51
C ALA C 120 17.51 14.03 -13.41
N ALA C 121 18.39 13.03 -13.53
CA ALA C 121 19.48 12.78 -12.57
C ALA C 121 20.44 13.95 -12.37
N SER C 122 20.98 14.49 -13.47
CA SER C 122 21.94 15.58 -13.39
C SER C 122 21.29 16.84 -12.87
N LEU C 123 20.06 17.11 -13.27
CA LEU C 123 19.28 18.22 -12.71
C LEU C 123 19.08 18.06 -11.19
N ASP C 124 18.79 16.83 -10.77
CA ASP C 124 18.63 16.49 -9.35
C ASP C 124 19.94 16.69 -8.59
N THR C 125 21.03 16.12 -9.10
CA THR C 125 22.38 16.36 -8.55
C THR C 125 22.71 17.85 -8.48
N GLN C 126 22.36 18.58 -9.55
CA GLN C 126 22.62 20.04 -9.62
C GLN C 126 21.69 20.86 -8.71
N GLY C 127 20.79 20.18 -8.00
CA GLY C 127 19.95 20.82 -6.98
C GLY C 127 18.67 21.53 -7.45
N TYR C 128 18.17 21.17 -8.63
CA TYR C 128 16.91 21.73 -9.11
C TYR C 128 15.74 21.13 -8.33
N SER C 129 14.72 21.94 -8.08
CA SER C 129 13.49 21.48 -7.42
C SER C 129 12.70 20.60 -8.37
N VAL C 130 11.84 19.77 -7.79
CA VAL C 130 11.00 18.85 -8.55
C VAL C 130 10.13 19.60 -9.56
N ASN C 131 9.55 20.74 -9.17
CA ASN C 131 8.75 21.58 -10.06
C ASN C 131 9.55 22.02 -11.28
N ASP C 132 10.80 22.45 -11.05
CA ASP C 132 11.69 22.87 -12.12
C ASP C 132 12.13 21.70 -12.99
N ILE C 133 12.40 20.56 -12.37
CA ILE C 133 12.72 19.32 -13.11
C ILE C 133 11.57 18.88 -14.01
N ILE C 134 10.34 18.93 -13.52
CA ILE C 134 9.18 18.62 -14.35
C ILE C 134 9.07 19.59 -15.54
N HIS C 135 9.15 20.88 -15.26
CA HIS C 135 9.04 21.92 -16.29
C HIS C 135 10.10 21.73 -17.40
N ILE C 136 11.32 21.39 -17.00
CA ILE C 136 12.42 21.11 -17.93
C ILE C 136 12.25 19.81 -18.71
N LEU C 137 11.83 18.74 -18.02
CA LEU C 137 11.64 17.45 -18.69
C LEU C 137 10.49 17.48 -19.71
N MSE C 138 9.44 18.24 -19.40
CA MSE C 138 8.32 18.42 -20.32
C MSE C 138 8.74 19.11 -21.61
O MSE C 138 8.27 18.75 -22.68
CB MSE C 138 7.17 19.17 -19.66
CG MSE C 138 6.39 18.34 -18.65
SE MSE C 138 5.02 19.39 -17.73
CE MSE C 138 3.74 19.53 -19.20
N ALA C 139 9.65 20.09 -21.49
CA ALA C 139 10.23 20.76 -22.66
C ALA C 139 11.15 19.81 -23.44
N GLU C 140 12.00 19.07 -22.73
CA GLU C 140 12.84 18.05 -23.33
C GLU C 140 11.99 16.94 -24.00
N GLY C 141 10.86 16.60 -23.36
CA GLY C 141 9.99 15.54 -23.84
C GLY C 141 8.95 15.91 -24.89
N GLY C 142 8.91 17.18 -25.28
CA GLY C 142 7.95 17.67 -26.27
C GLY C 142 6.51 17.74 -25.76
N GLN C 143 6.38 17.92 -24.45
CA GLN C 143 5.12 17.75 -23.74
C GLN C 143 4.50 19.04 -23.19
N GLU D 4 -20.04 -13.69 24.66
CA GLU D 4 -20.65 -13.88 23.32
C GLU D 4 -21.71 -12.79 23.03
N LEU D 5 -21.29 -11.57 22.70
CA LEU D 5 -19.89 -11.14 22.66
C LEU D 5 -19.74 -9.79 23.37
N THR D 6 -19.92 -9.82 24.68
CA THR D 6 -20.03 -8.63 25.52
C THR D 6 -18.67 -8.02 25.90
N LEU D 7 -18.72 -6.83 26.50
CA LEU D 7 -17.53 -6.16 27.03
C LEU D 7 -16.73 -7.06 27.97
N ASN D 8 -17.43 -7.70 28.91
CA ASN D 8 -16.81 -8.62 29.87
C ASN D 8 -16.00 -9.74 29.20
N VAL D 9 -16.56 -10.29 28.10
CA VAL D 9 -15.89 -11.30 27.29
C VAL D 9 -14.64 -10.73 26.58
N LEU D 10 -14.77 -9.55 25.98
CA LEU D 10 -13.64 -8.87 25.31
C LEU D 10 -12.47 -8.61 26.27
N GLN D 11 -12.81 -8.31 27.53
CA GLN D 11 -11.82 -8.07 28.61
C GLN D 11 -11.24 -9.36 29.16
N THR D 12 -11.88 -10.48 28.84
CA THR D 12 -11.58 -11.79 29.43
C THR D 12 -10.71 -12.69 28.54
N MSE D 13 -10.87 -12.51 27.23
CA MSE D 13 -10.13 -13.27 26.22
C MSE D 13 -8.64 -12.94 26.27
O MSE D 13 -8.26 -11.78 26.45
CB MSE D 13 -10.66 -12.94 24.81
CG MSE D 13 -12.11 -13.36 24.55
SE MSE D 13 -12.92 -12.46 22.99
CE MSE D 13 -11.51 -12.78 21.67
N ASN D 14 -7.80 -13.96 26.14
CA ASN D 14 -6.36 -13.74 26.03
C ASN D 14 -5.91 -13.63 24.57
N ALA D 15 -4.61 -13.41 24.37
CA ALA D 15 -4.04 -13.22 23.03
C ALA D 15 -4.42 -14.34 22.07
N GLN D 16 -4.24 -15.59 22.51
CA GLN D 16 -4.55 -16.77 21.69
C GLN D 16 -6.03 -16.81 21.29
N GLU D 17 -6.92 -16.40 22.20
CA GLU D 17 -8.35 -16.40 21.92
C GLU D 17 -8.75 -15.29 20.93
N TYR D 18 -7.99 -14.20 20.90
CA TYR D 18 -8.15 -13.21 19.83
C TYR D 18 -7.76 -13.80 18.49
N GLU D 19 -6.58 -14.43 18.42
CA GLU D 19 -6.13 -15.13 17.22
C GLU D 19 -7.05 -16.28 16.76
N ASP D 20 -7.66 -16.99 17.71
CA ASP D 20 -8.59 -18.10 17.41
C ASP D 20 -9.80 -17.63 16.61
N ILE D 21 -10.29 -16.44 16.94
CA ILE D 21 -11.45 -15.87 16.25
C ILE D 21 -11.05 -15.38 14.85
N ARG D 22 -9.89 -14.74 14.72
CA ARG D 22 -9.40 -14.37 13.39
C ARG D 22 -9.25 -15.63 12.53
N ALA D 23 -8.77 -16.72 13.14
CA ALA D 23 -8.52 -17.99 12.44
C ALA D 23 -9.80 -18.70 12.03
N ALA D 24 -10.88 -18.49 12.79
CA ALA D 24 -12.16 -19.16 12.52
C ALA D 24 -12.78 -18.69 11.20
N GLY D 25 -12.51 -17.45 10.80
CA GLY D 25 -12.98 -16.97 9.51
C GLY D 25 -13.33 -15.50 9.47
N SER D 26 -13.49 -14.98 8.25
CA SER D 26 -13.71 -13.55 8.01
C SER D 26 -14.95 -13.06 8.74
N ASP D 27 -16.02 -13.84 8.67
CA ASP D 27 -17.28 -13.53 9.32
C ASP D 27 -17.17 -13.39 10.84
N GLU D 28 -16.54 -14.39 11.46
CA GLU D 28 -16.33 -14.41 12.90
C GLU D 28 -15.47 -13.22 13.33
N ARG D 29 -14.41 -12.95 12.57
CA ARG D 29 -13.54 -11.80 12.86
C ARG D 29 -14.30 -10.48 12.76
N ARG D 30 -15.13 -10.33 11.72
CA ARG D 30 -15.92 -9.12 11.50
C ARG D 30 -16.84 -8.83 12.70
N GLU D 31 -17.52 -9.87 13.21
CA GLU D 31 -18.32 -9.77 14.44
C GLU D 31 -17.49 -9.28 15.64
N LEU D 32 -16.33 -9.89 15.84
CA LEU D 32 -15.43 -9.50 16.92
C LEU D 32 -15.02 -8.04 16.78
N THR D 33 -14.64 -7.65 15.57
CA THR D 33 -14.26 -6.29 15.25
C THR D 33 -15.41 -5.31 15.54
N HIS D 34 -16.63 -5.67 15.14
CA HIS D 34 -17.80 -4.84 15.42
C HIS D 34 -18.12 -4.77 16.91
N ALA D 35 -17.92 -5.87 17.62
CA ALA D 35 -18.14 -5.88 19.07
C ALA D 35 -17.19 -4.89 19.77
N VAL D 36 -15.95 -4.81 19.31
CA VAL D 36 -14.96 -3.87 19.86
C VAL D 36 -15.36 -2.41 19.58
N MSE D 37 -15.63 -2.13 18.30
CA MSE D 37 -16.02 -0.79 17.87
C MSE D 37 -17.30 -0.27 18.55
O MSE D 37 -17.42 0.92 18.80
CB MSE D 37 -16.18 -0.74 16.36
CG MSE D 37 -14.90 -1.02 15.59
SE MSE D 37 -15.18 -0.93 13.67
CE MSE D 37 -16.19 -2.51 13.40
N ARG D 38 -18.24 -1.18 18.82
CA ARG D 38 -19.50 -0.86 19.53
C ARG D 38 -19.24 -0.22 20.90
N GLU D 39 -18.11 -0.60 21.52
CA GLU D 39 -17.79 -0.14 22.86
C GLU D 39 -17.03 1.18 22.87
N LEU D 40 -16.73 1.67 21.67
CA LEU D 40 -15.88 2.84 21.49
C LEU D 40 -16.63 4.03 20.94
N ASP D 41 -16.19 5.24 21.32
CA ASP D 41 -16.77 6.47 20.82
C ASP D 41 -15.72 7.27 20.05
N ALA D 42 -15.97 7.45 18.74
CA ALA D 42 -15.09 8.25 17.90
C ALA D 42 -15.47 9.71 18.03
N PRO D 43 -14.48 10.61 18.10
CA PRO D 43 -14.80 12.03 18.24
C PRO D 43 -15.43 12.60 16.97
N ASP D 44 -16.07 13.77 17.09
CA ASP D 44 -16.73 14.42 15.96
C ASP D 44 -15.73 14.78 14.87
N ASN D 45 -16.16 14.60 13.62
CA ASN D 45 -15.36 14.84 12.43
C ASN D 45 -14.25 13.81 12.19
N TRP D 46 -14.17 12.80 13.07
CA TRP D 46 -13.24 11.70 12.91
C TRP D 46 -13.97 10.47 12.35
N THR D 47 -13.25 9.64 11.59
CA THR D 47 -13.79 8.36 11.15
C THR D 47 -13.23 7.22 12.00
N MSE D 48 -14.03 6.16 12.11
CA MSE D 48 -13.63 4.95 12.79
C MSE D 48 -13.81 3.76 11.85
O MSE D 48 -14.91 3.54 11.35
CB MSE D 48 -14.46 4.77 14.07
CG MSE D 48 -14.09 3.50 14.81
SE MSE D 48 -15.01 3.19 16.49
CE MSE D 48 -16.84 3.02 15.84
N ASN D 49 -12.74 3.03 11.62
CA ASN D 49 -12.74 1.90 10.69
C ASN D 49 -12.03 0.70 11.28
N GLY D 50 -12.68 -0.45 11.21
CA GLY D 50 -12.04 -1.72 11.55
C GLY D 50 -11.33 -2.32 10.34
N GLU D 51 -10.37 -3.21 10.59
CA GLU D 51 -9.76 -3.99 9.52
C GLU D 51 -10.55 -5.28 9.31
N TYR D 52 -10.89 -5.56 8.06
CA TYR D 52 -11.67 -6.76 7.76
C TYR D 52 -10.88 -7.82 7.02
N GLY D 53 -9.82 -7.40 6.32
CA GLY D 53 -8.92 -8.33 5.66
C GLY D 53 -7.49 -8.06 6.12
N SER D 54 -6.66 -7.58 5.20
CA SER D 54 -5.30 -7.18 5.59
C SER D 54 -4.97 -5.74 5.20
N GLU D 55 -6.01 -4.92 5.04
CA GLU D 55 -5.84 -3.55 4.55
C GLU D 55 -5.08 -2.63 5.53
N PHE D 56 -5.05 -2.98 6.80
CA PHE D 56 -4.24 -2.22 7.75
C PHE D 56 -2.99 -3.02 8.17
N GLY D 57 -2.59 -3.98 7.34
CA GLY D 57 -1.37 -4.78 7.60
C GLY D 57 -1.66 -6.18 8.12
N GLY D 58 -2.81 -6.36 8.76
CA GLY D 58 -3.24 -7.68 9.19
C GLY D 58 -2.51 -8.19 10.44
N PHE D 59 -1.76 -7.31 11.09
CA PHE D 59 -0.91 -7.71 12.22
C PHE D 59 -1.70 -8.14 13.46
N PHE D 60 -2.88 -7.58 13.65
CA PHE D 60 -3.65 -7.78 14.88
C PHE D 60 -5.04 -8.31 14.60
N PRO D 61 -5.52 -9.26 15.41
CA PRO D 61 -6.85 -9.85 15.21
C PRO D 61 -7.94 -8.77 15.14
N VAL D 62 -7.88 -7.77 16.01
CA VAL D 62 -8.68 -6.56 15.82
C VAL D 62 -7.76 -5.36 15.67
N GLN D 63 -8.01 -4.57 14.65
CA GLN D 63 -7.37 -3.28 14.52
C GLN D 63 -8.42 -2.24 14.15
N VAL D 64 -8.54 -1.20 14.97
CA VAL D 64 -9.48 -0.13 14.69
C VAL D 64 -8.69 1.15 14.53
N ARG D 65 -8.89 1.83 13.40
CA ARG D 65 -8.21 3.10 13.17
C ARG D 65 -9.14 4.29 13.37
N PHE D 66 -8.57 5.37 13.90
CA PHE D 66 -9.33 6.58 14.18
C PHE D 66 -8.59 7.69 13.50
N THR D 67 -9.29 8.40 12.63
CA THR D 67 -8.66 9.36 11.75
C THR D 67 -9.44 10.66 11.69
N PRO D 68 -8.77 11.80 11.96
CA PRO D 68 -9.39 13.12 11.78
C PRO D 68 -9.64 13.36 10.30
N ALA D 69 -10.59 14.24 9.99
CA ALA D 69 -10.98 14.52 8.61
C ALA D 69 -9.81 14.93 7.68
N HIS D 70 -8.85 15.67 8.23
CA HIS D 70 -7.70 16.15 7.45
C HIS D 70 -6.63 15.09 7.10
N GLU D 71 -6.72 13.94 7.75
CA GLU D 71 -5.87 12.78 7.45
C GLU D 71 -4.34 12.94 7.63
N ARG D 72 -3.91 13.91 8.43
CA ARG D 72 -2.47 14.16 8.66
C ARG D 72 -1.83 13.10 9.55
N PHE D 73 -2.65 12.45 10.37
CA PHE D 73 -2.20 11.34 11.21
C PHE D 73 -3.40 10.47 11.52
N HIS D 74 -3.17 9.35 12.18
CA HIS D 74 -4.25 8.57 12.74
C HIS D 74 -3.79 7.88 14.01
N LEU D 75 -4.75 7.39 14.78
CA LEU D 75 -4.47 6.46 15.88
C LEU D 75 -5.00 5.08 15.50
N ALA D 76 -4.36 4.04 16.03
CA ALA D 76 -4.80 2.68 15.76
C ALA D 76 -4.81 1.91 17.07
N LEU D 77 -5.98 1.34 17.36
CA LEU D 77 -6.15 0.43 18.50
C LEU D 77 -5.90 -0.99 18.05
N CYS D 78 -4.90 -1.62 18.65
CA CYS D 78 -4.44 -2.95 18.22
C CYS D 78 -4.61 -3.95 19.36
N SER D 79 -5.20 -5.10 19.05
CA SER D 79 -5.60 -6.06 20.09
C SER D 79 -4.48 -7.04 20.45
N PRO D 80 -4.63 -7.76 21.58
CA PRO D 80 -3.77 -8.90 21.88
C PRO D 80 -3.82 -9.92 20.75
N GLY D 81 -2.74 -10.67 20.60
CA GLY D 81 -2.62 -11.70 19.56
C GLY D 81 -1.19 -12.21 19.56
N ASP D 82 -0.75 -12.78 18.44
CA ASP D 82 0.61 -13.30 18.33
C ASP D 82 1.66 -12.21 18.56
N VAL D 83 1.38 -11.01 18.07
CA VAL D 83 2.36 -9.92 18.07
C VAL D 83 2.50 -9.23 19.44
N SER D 84 1.36 -9.03 20.12
CA SER D 84 1.35 -8.28 21.37
C SER D 84 0.44 -8.98 22.38
N GLN D 85 0.90 -9.08 23.63
CA GLN D 85 0.10 -9.67 24.70
C GLN D 85 -0.98 -8.69 25.17
N VAL D 86 -0.76 -7.40 24.92
CA VAL D 86 -1.63 -6.33 25.42
C VAL D 86 -2.24 -5.53 24.28
N TRP D 87 -3.34 -4.82 24.57
CA TRP D 87 -3.89 -3.84 23.64
C TRP D 87 -2.91 -2.68 23.57
N VAL D 88 -2.61 -2.22 22.35
CA VAL D 88 -1.86 -0.98 22.20
C VAL D 88 -2.62 0.08 21.42
N LEU D 89 -2.54 1.32 21.89
CA LEU D 89 -3.01 2.47 21.14
C LEU D 89 -1.80 3.22 20.63
N VAL D 90 -1.68 3.28 19.32
CA VAL D 90 -0.57 3.99 18.66
C VAL D 90 -1.05 5.25 17.93
N LEU D 91 -0.17 6.25 17.87
CA LEU D 91 -0.42 7.40 17.02
C LEU D 91 0.67 7.42 15.94
N VAL D 92 0.24 7.45 14.68
CA VAL D 92 1.13 7.44 13.54
C VAL D 92 0.91 8.69 12.69
N ASN D 93 1.92 9.54 12.63
CA ASN D 93 1.93 10.62 11.66
C ASN D 93 1.95 10.05 10.23
N ALA D 94 1.26 10.69 9.29
CA ALA D 94 1.41 10.32 7.88
C ALA D 94 2.90 10.43 7.54
N GLY D 95 3.47 9.40 6.93
CA GLY D 95 4.91 9.46 6.64
C GLY D 95 5.76 8.72 7.67
N GLY D 96 5.14 8.33 8.79
CA GLY D 96 5.73 7.34 9.70
C GLY D 96 6.39 7.88 10.96
N GLU D 97 6.64 9.18 10.98
CA GLU D 97 7.19 9.86 12.14
CA GLU D 97 7.24 9.88 12.11
C GLU D 97 6.59 11.25 12.27
N PRO D 98 6.25 11.66 13.51
CA PRO D 98 6.42 10.95 14.78
C PRO D 98 5.50 9.75 14.96
N PHE D 99 5.90 8.86 15.85
CA PHE D 99 5.17 7.65 16.10
C PHE D 99 5.34 7.32 17.57
N ALA D 100 4.29 6.79 18.19
CA ALA D 100 4.40 6.31 19.56
C ALA D 100 3.28 5.36 19.92
N VAL D 101 3.59 4.43 20.81
CA VAL D 101 2.53 3.81 21.61
C VAL D 101 2.16 4.86 22.66
N VAL D 102 0.90 5.31 22.65
CA VAL D 102 0.46 6.33 23.59
C VAL D 102 -0.25 5.74 24.82
N GLN D 103 -0.71 4.50 24.68
CA GLN D 103 -1.39 3.81 25.75
C GLN D 103 -1.27 2.31 25.56
N VAL D 104 -1.14 1.59 26.68
CA VAL D 104 -1.12 0.14 26.70
C VAL D 104 -2.16 -0.32 27.71
N GLN D 105 -3.00 -1.30 27.33
CA GLN D 105 -4.01 -1.83 28.25
C GLN D 105 -3.89 -3.36 28.35
N ARG D 106 -3.70 -3.88 29.55
CA ARG D 106 -3.64 -5.34 29.74
C ARG D 106 -4.99 -5.99 29.47
N ARG D 107 -6.05 -5.25 29.72
CA ARG D 107 -7.41 -5.66 29.39
C ARG D 107 -8.11 -4.49 28.73
N PHE D 108 -8.91 -4.79 27.71
CA PHE D 108 -9.65 -3.77 26.96
C PHE D 108 -10.36 -2.79 27.90
N ALA D 109 -9.95 -1.52 27.85
CA ALA D 109 -10.62 -0.46 28.58
C ALA D 109 -11.19 0.53 27.55
N SER D 110 -12.45 0.30 27.19
CA SER D 110 -13.12 1.06 26.14
C SER D 110 -13.16 2.55 26.44
N GLU D 111 -13.56 2.91 27.67
CA GLU D 111 -13.74 4.29 28.08
C GLU D 111 -12.43 5.08 28.04
N ALA D 112 -11.34 4.40 28.38
CA ALA D 112 -10.01 5.02 28.38
C ALA D 112 -9.51 5.30 26.95
N VAL D 113 -9.87 4.43 26.00
CA VAL D 113 -9.57 4.67 24.59
C VAL D 113 -10.31 5.92 24.11
N SER D 114 -11.63 5.94 24.32
CA SER D 114 -12.47 7.06 23.93
C SER D 114 -12.02 8.42 24.51
N HIS D 115 -11.62 8.42 25.78
CA HIS D 115 -11.06 9.61 26.42
C HIS D 115 -9.75 10.08 25.77
N SER D 116 -8.85 9.15 25.49
CA SER D 116 -7.61 9.51 24.80
C SER D 116 -7.87 10.08 23.41
N LEU D 117 -8.82 9.47 22.69
CA LEU D 117 -9.18 9.95 21.36
C LEU D 117 -9.75 11.36 21.43
N ALA D 118 -10.63 11.59 22.41
CA ALA D 118 -11.22 12.90 22.63
C ALA D 118 -10.14 13.94 22.94
N LEU D 119 -9.21 13.57 23.81
CA LEU D 119 -8.08 14.44 24.11
C LEU D 119 -7.25 14.74 22.86
N ALA D 120 -6.91 13.71 22.10
CA ALA D 120 -6.19 13.89 20.83
C ALA D 120 -6.92 14.86 19.90
N ALA D 121 -8.23 14.67 19.79
CA ALA D 121 -9.08 15.49 18.93
C ALA D 121 -9.09 16.96 19.32
N SER D 122 -9.26 17.24 20.61
CA SER D 122 -9.33 18.62 21.07
C SER D 122 -7.97 19.31 21.02
N LEU D 123 -6.91 18.55 21.28
CA LEU D 123 -5.55 19.06 21.12
C LEU D 123 -5.25 19.40 19.66
N ASP D 124 -5.75 18.58 18.74
CA ASP D 124 -5.61 18.79 17.30
C ASP D 124 -6.35 20.05 16.84
N THR D 125 -7.55 20.25 17.38
CA THR D 125 -8.33 21.46 17.15
C THR D 125 -7.62 22.69 17.71
N GLN D 126 -7.05 22.54 18.91
CA GLN D 126 -6.32 23.63 19.57
C GLN D 126 -4.95 23.92 18.91
N GLY D 127 -4.63 23.15 17.87
CA GLY D 127 -3.47 23.45 17.00
C GLY D 127 -2.13 22.90 17.45
N TYR D 128 -2.14 21.91 18.33
CA TYR D 128 -0.90 21.30 18.81
C TYR D 128 -0.27 20.41 17.75
N SER D 129 1.07 20.46 17.65
CA SER D 129 1.80 19.58 16.75
C SER D 129 1.61 18.14 17.18
N VAL D 130 1.73 17.23 16.21
CA VAL D 130 1.60 15.80 16.44
C VAL D 130 2.63 15.33 17.48
N ASN D 131 3.83 15.87 17.39
CA ASN D 131 4.85 15.62 18.41
C ASN D 131 4.36 16.00 19.81
N ASP D 132 3.71 17.16 19.92
CA ASP D 132 3.18 17.65 21.20
C ASP D 132 2.01 16.79 21.67
N ILE D 133 1.16 16.39 20.73
CA ILE D 133 0.02 15.53 21.05
C ILE D 133 0.47 14.17 21.57
N ILE D 134 1.50 13.61 20.94
CA ILE D 134 2.08 12.34 21.42
C ILE D 134 2.54 12.45 22.89
N HIS D 135 3.35 13.47 23.19
N HIS D 135 3.34 13.48 23.19
CA HIS D 135 3.87 13.67 24.53
CA HIS D 135 3.89 13.71 24.53
C HIS D 135 2.74 13.79 25.56
C HIS D 135 2.76 13.83 25.57
N ILE D 136 1.69 14.54 25.21
CA ILE D 136 0.53 14.74 26.09
C ILE D 136 -0.26 13.44 26.29
N LEU D 137 -0.59 12.76 25.20
CA LEU D 137 -1.32 11.50 25.28
C LEU D 137 -0.54 10.45 26.06
N MSE D 138 0.77 10.40 25.86
CA MSE D 138 1.64 9.53 26.66
C MSE D 138 1.54 9.81 28.15
O MSE D 138 1.51 8.88 28.95
CB MSE D 138 3.10 9.59 26.20
CG MSE D 138 3.36 8.87 24.88
SE MSE D 138 5.21 9.08 24.27
CE MSE D 138 6.01 7.63 25.30
N ALA D 139 1.49 11.09 28.53
CA ALA D 139 1.30 11.45 29.92
C ALA D 139 -0.12 11.10 30.38
N GLU D 140 -1.10 11.37 29.52
CA GLU D 140 -2.50 11.05 29.82
C GLU D 140 -2.72 9.54 29.93
N GLY D 141 -2.13 8.79 29.00
CA GLY D 141 -2.23 7.33 28.98
C GLY D 141 -1.23 6.57 29.86
N GLY D 142 -0.54 7.27 30.75
CA GLY D 142 0.42 6.64 31.68
C GLY D 142 1.70 6.06 31.09
N GLN D 143 2.00 6.37 29.83
CA GLN D 143 3.24 5.93 29.19
C GLN D 143 4.45 6.74 29.67
#